data_1YKQ
#
_entry.id   1YKQ
#
_cell.length_a   77.690
_cell.length_b   44.240
_cell.length_c   79.640
_cell.angle_alpha   90.00
_cell.angle_beta   107.12
_cell.angle_gamma   90.00
#
_symmetry.space_group_name_H-M   'P 1 21 1'
#
loop_
_entity.id
_entity.type
_entity.pdbx_description
1 polymer 'Diels-Alder ribozyme'
2 polymer 'Diels-Alder ribozyme'
3 non-polymer 'CADMIUM ION'
4 non-polymer 'MAGNESIUM ION'
#
loop_
_entity_poly.entity_id
_entity_poly.type
_entity_poly.pdbx_seq_one_letter_code
_entity_poly.pdbx_strand_id
1 'polyribonucleotide' GGAGCUCGCCC A,C
2 'polyribonucleotide' GGGCGAGGCCGUGCCAGCUCUUCGGAGCAAUACUCGGC B,D
#
loop_
_chem_comp.id
_chem_comp.type
_chem_comp.name
_chem_comp.formula
A RNA linking ADENOSINE-5'-MONOPHOSPHATE 'C10 H14 N5 O7 P'
C RNA linking CYTIDINE-5'-MONOPHOSPHATE 'C9 H14 N3 O8 P'
CD non-polymer 'CADMIUM ION' 'Cd 2'
G RNA linking GUANOSINE-5'-MONOPHOSPHATE 'C10 H14 N5 O8 P'
MG non-polymer 'MAGNESIUM ION' 'Mg 2'
U RNA linking URIDINE-5'-MONOPHOSPHATE 'C9 H13 N2 O9 P'
#
# COMPACT_ATOMS: atom_id res chain seq x y z
CD CD E . -0.40 -6.67 -17.11
MG MG F . 10.17 -4.19 0.69
MG MG G . 6.92 -8.98 -4.14
CD CD H . -8.29 2.61 -15.28
CD CD I . 26.36 0.20 -17.27
MG MG J . -9.78 -3.94 -3.31
MG MG K . -12.40 2.44 12.96
MG MG L . 1.85 11.80 -0.04
MG MG M . -5.34 11.83 3.23
CD CD N . -7.87 -8.53 9.98
CD CD O . 7.30 18.96 22.78
MG MG P . -8.53 -15.52 7.50
#